data_3IQU
#
_entry.id   3IQU
#
_cell.length_a   82.180
_cell.length_b   112.170
_cell.length_c   62.730
_cell.angle_alpha   90.00
_cell.angle_beta   90.00
_cell.angle_gamma   90.00
#
_symmetry.space_group_name_H-M   'C 2 2 21'
#
loop_
_entity.id
_entity.type
_entity.pdbx_description
1 polymer '14-3-3 protein sigma'
2 polymer '6-mer from RAF proto-oncogene serine/threonine-protein kinase'
3 non-polymer 'CHLORIDE ION'
4 non-polymer 'MAGNESIUM ION'
5 water water
#
loop_
_entity_poly.entity_id
_entity_poly.type
_entity_poly.pdbx_seq_one_letter_code
_entity_poly.pdbx_strand_id
1 'polypeptide(L)'
;GAMGSMERASLIQKAKLAEQAERYEDMAAFMKGAVEKGEELS(CSO)EERNLLSVAYKNVVGGQRAAWRVLSSIEQKSNE
EGSEEKGPEVREYREKVETELQGVCDTVLGLLDSHLIKEAGDAESRVFYLKMKGDYYRYLAEVATGDDKKRIIDSARSAY
QEAMDISKKEMPPTNPIRLGLALNFSVFHYEIANSPEEAISLAKTTFDEAMADLHTLSEDSYKDSTLIMQLLRDNLTLWT
;
A
2 'polypeptide(L)' QRST(SEP)T P
#
loop_
_chem_comp.id
_chem_comp.type
_chem_comp.name
_chem_comp.formula
CL non-polymer 'CHLORIDE ION' 'Cl -1'
MG non-polymer 'MAGNESIUM ION' 'Mg 2'
#
# COMPACT_ATOMS: atom_id res chain seq x y z
N GLY A 1 -14.27 14.95 13.38
CA GLY A 1 -15.33 13.89 12.96
C GLY A 1 -15.91 13.22 14.18
N ALA A 2 -16.38 11.95 14.13
CA ALA A 2 -16.87 11.20 15.31
C ALA A 2 -15.78 11.10 16.32
N MET A 3 -14.47 11.15 15.92
CA MET A 3 -13.36 11.08 16.82
C MET A 3 -12.89 12.42 17.37
N GLY A 4 -13.53 13.51 17.04
CA GLY A 4 -13.07 14.80 17.42
C GLY A 4 -13.02 15.03 18.91
N SER A 5 -13.88 14.37 19.66
CA SER A 5 -13.88 14.59 21.08
CA SER A 5 -13.90 14.50 21.12
C SER A 5 -12.95 13.65 21.84
N MET A 6 -12.25 12.73 21.21
CA MET A 6 -11.40 11.81 21.86
C MET A 6 -9.96 12.27 21.83
N GLU A 7 -9.25 12.15 22.96
CA GLU A 7 -7.86 12.52 23.01
C GLU A 7 -7.04 11.78 22.00
N ARG A 8 -6.01 12.46 21.44
CA ARG A 8 -5.08 11.83 20.55
C ARG A 8 -4.51 10.55 21.10
N ALA A 9 -4.02 10.61 22.37
CA ALA A 9 -3.35 9.47 22.95
C ALA A 9 -4.32 8.29 23.13
N SER A 10 -5.58 8.62 23.43
CA SER A 10 -6.61 7.62 23.57
C SER A 10 -6.94 6.92 22.27
N LEU A 11 -6.97 7.71 21.18
CA LEU A 11 -7.16 7.13 19.84
C LEU A 11 -6.06 6.18 19.50
N ILE A 12 -4.80 6.52 19.80
CA ILE A 12 -3.73 5.64 19.48
CA ILE A 12 -3.64 5.65 19.54
C ILE A 12 -3.74 4.37 20.36
N GLN A 13 -4.07 4.54 21.65
CA GLN A 13 -4.21 3.39 22.52
C GLN A 13 -5.29 2.44 22.00
N LYS A 14 -6.42 3.01 21.60
CA LYS A 14 -7.53 2.20 21.08
C LYS A 14 -7.21 1.57 19.75
N ALA A 15 -6.41 2.26 18.90
CA ALA A 15 -5.96 1.62 17.66
C ALA A 15 -5.18 0.36 17.92
N LYS A 16 -4.31 0.40 18.97
CA LYS A 16 -3.51 -0.74 19.31
C LYS A 16 -4.43 -1.86 19.86
N LEU A 17 -5.42 -1.50 20.65
CA LEU A 17 -6.36 -2.55 21.14
C LEU A 17 -7.16 -3.18 19.97
N ALA A 18 -7.57 -2.34 19.04
CA ALA A 18 -8.30 -2.78 17.87
C ALA A 18 -7.46 -3.76 17.04
N GLU A 19 -6.17 -3.45 16.91
CA GLU A 19 -5.31 -4.34 16.20
CA GLU A 19 -5.26 -4.31 16.22
C GLU A 19 -5.23 -5.71 16.89
N GLN A 20 -5.11 -5.71 18.21
CA GLN A 20 -5.04 -6.95 18.97
C GLN A 20 -6.31 -7.79 18.76
N ALA A 21 -7.44 -7.09 18.70
CA ALA A 21 -8.77 -7.67 18.50
C ALA A 21 -9.07 -7.98 17.07
N GLU A 22 -8.17 -7.66 16.11
CA GLU A 22 -8.39 -7.82 14.70
CA GLU A 22 -8.48 -7.92 14.74
C GLU A 22 -9.63 -7.09 14.19
N ARG A 23 -9.82 -5.91 14.74
CA ARG A 23 -10.91 -5.00 14.42
C ARG A 23 -10.35 -3.89 13.56
N TYR A 24 -10.03 -4.19 12.31
CA TYR A 24 -9.26 -3.25 11.51
C TYR A 24 -10.03 -2.06 11.06
N GLU A 25 -11.36 -2.18 10.84
CA GLU A 25 -12.11 -0.94 10.51
CA GLU A 25 -12.15 -1.01 10.53
C GLU A 25 -12.10 -0.03 11.69
N ASP A 26 -12.27 -0.51 12.92
CA ASP A 26 -12.15 0.35 14.07
C ASP A 26 -10.75 0.94 14.16
N MET A 27 -9.73 0.15 13.92
CA MET A 27 -8.35 0.63 14.00
C MET A 27 -8.15 1.79 13.02
N ALA A 28 -8.67 1.66 11.82
CA ALA A 28 -8.55 2.67 10.79
C ALA A 28 -9.26 3.95 11.21
N ALA A 29 -10.48 3.81 11.77
CA ALA A 29 -11.21 4.95 12.21
C ALA A 29 -10.48 5.68 13.35
N PHE A 30 -9.90 4.95 14.28
CA PHE A 30 -9.14 5.59 15.36
C PHE A 30 -7.94 6.31 14.79
N MET A 31 -7.21 5.69 13.87
CA MET A 31 -6.02 6.33 13.30
C MET A 31 -6.38 7.54 12.44
N LYS A 32 -7.48 7.50 11.71
CA LYS A 32 -7.95 8.65 11.01
C LYS A 32 -8.19 9.78 11.97
N GLY A 33 -8.86 9.49 13.07
CA GLY A 33 -9.07 10.49 14.10
C GLY A 33 -7.80 11.05 14.62
N ALA A 34 -6.80 10.23 14.85
CA ALA A 34 -5.49 10.66 15.33
C ALA A 34 -4.83 11.59 14.30
N VAL A 35 -4.85 11.22 13.01
CA VAL A 35 -4.28 12.09 11.98
C VAL A 35 -4.96 13.42 11.98
N GLU A 36 -6.28 13.45 12.13
CA GLU A 36 -7.05 14.68 12.04
C GLU A 36 -6.84 15.59 13.23
N LYS A 37 -6.11 15.16 14.26
CA LYS A 37 -5.67 16.08 15.31
C LYS A 37 -4.69 17.08 14.81
N GLY A 38 -4.03 16.83 13.69
CA GLY A 38 -3.17 17.80 13.04
C GLY A 38 -1.73 17.74 13.33
N GLU A 39 -1.33 16.94 14.32
CA GLU A 39 0.05 16.73 14.60
CA GLU A 39 0.05 16.75 14.68
C GLU A 39 0.68 15.72 13.72
N GLU A 40 1.98 15.83 13.50
CA GLU A 40 2.71 14.82 12.76
C GLU A 40 2.66 13.49 13.48
N LEU A 41 2.86 12.41 12.77
CA LEU A 41 2.86 11.06 13.31
C LEU A 41 4.26 10.56 13.52
N SER A 42 4.47 9.87 14.64
CA SER A 42 5.68 9.16 14.90
C SER A 42 5.81 7.95 13.99
N CSO A 43 6.98 7.32 14.00
CA CSO A 43 7.18 6.09 13.24
CB CSO A 43 8.61 5.62 13.41
SG CSO A 43 9.01 4.20 12.46
C CSO A 43 6.15 5.04 13.60
O CSO A 43 5.52 4.42 12.74
OD CSO A 43 8.47 2.72 13.44
N GLU A 44 5.99 4.80 14.88
CA GLU A 44 5.02 3.78 15.34
CA GLU A 44 5.03 3.76 15.28
C GLU A 44 3.64 4.14 14.88
N GLU A 45 3.24 5.41 14.98
CA GLU A 45 1.91 5.82 14.59
C GLU A 45 1.70 5.70 13.10
N ARG A 46 2.71 6.01 12.27
CA ARG A 46 2.59 5.83 10.85
C ARG A 46 2.32 4.38 10.52
N ASN A 47 3.00 3.48 11.21
N ASN A 47 3.00 3.46 11.20
CA ASN A 47 2.83 2.08 10.98
CA ASN A 47 2.82 2.06 10.94
C ASN A 47 1.45 1.60 11.41
C ASN A 47 1.45 1.60 11.40
N LEU A 48 0.88 2.14 12.47
CA LEU A 48 -0.50 1.81 12.83
CA LEU A 48 -0.47 1.82 12.86
C LEU A 48 -1.45 2.23 11.77
N LEU A 49 -1.30 3.44 11.24
CA LEU A 49 -2.14 3.95 10.16
C LEU A 49 -2.11 3.03 8.98
N SER A 50 -0.89 2.64 8.55
CA SER A 50 -0.70 1.77 7.42
CA SER A 50 -0.78 1.82 7.37
C SER A 50 -1.31 0.42 7.62
N VAL A 51 -1.05 -0.20 8.74
CA VAL A 51 -1.57 -1.53 9.00
C VAL A 51 -3.09 -1.51 8.97
N ALA A 52 -3.68 -0.52 9.58
CA ALA A 52 -5.16 -0.47 9.65
C ALA A 52 -5.75 -0.44 8.27
N TYR A 53 -5.33 0.54 7.44
CA TYR A 53 -5.92 0.68 6.12
C TYR A 53 -5.55 -0.42 5.17
N LYS A 54 -4.33 -0.97 5.30
CA LYS A 54 -3.95 -2.08 4.47
C LYS A 54 -4.86 -3.25 4.69
N ASN A 55 -5.22 -3.53 5.93
CA ASN A 55 -6.10 -4.62 6.22
C ASN A 55 -7.52 -4.37 5.69
N VAL A 56 -8.03 -3.16 5.91
CA VAL A 56 -9.36 -2.82 5.43
C VAL A 56 -9.41 -2.97 3.92
N VAL A 57 -8.52 -2.29 3.20
CA VAL A 57 -8.58 -2.29 1.75
CA VAL A 57 -8.59 -2.32 1.75
C VAL A 57 -8.21 -3.68 1.23
N GLY A 58 -7.34 -4.42 1.93
CA GLY A 58 -7.03 -5.71 1.45
C GLY A 58 -8.21 -6.67 1.41
N GLY A 59 -9.07 -6.60 2.41
CA GLY A 59 -10.27 -7.37 2.39
C GLY A 59 -11.23 -6.92 1.30
N GLN A 60 -11.34 -5.63 1.04
CA GLN A 60 -12.17 -5.13 -0.03
C GLN A 60 -11.65 -5.56 -1.38
N ARG A 61 -10.35 -5.52 -1.61
CA ARG A 61 -9.75 -5.95 -2.86
C ARG A 61 -10.01 -7.42 -3.09
N ALA A 62 -9.84 -8.24 -2.05
CA ALA A 62 -10.06 -9.67 -2.20
C ALA A 62 -11.51 -9.94 -2.59
N ALA A 63 -12.45 -9.24 -1.97
CA ALA A 63 -13.88 -9.41 -2.28
C ALA A 63 -14.16 -8.98 -3.69
N TRP A 64 -13.58 -7.84 -4.08
CA TRP A 64 -13.75 -7.33 -5.43
C TRP A 64 -13.30 -8.34 -6.45
N ARG A 65 -12.13 -8.96 -6.21
CA ARG A 65 -11.63 -9.91 -7.15
CA ARG A 65 -11.62 -9.94 -7.15
C ARG A 65 -12.56 -11.13 -7.27
N VAL A 66 -13.12 -11.58 -6.17
CA VAL A 66 -14.08 -12.73 -6.25
C VAL A 66 -15.24 -12.30 -7.12
N LEU A 67 -15.81 -11.15 -6.87
CA LEU A 67 -17.01 -10.70 -7.58
C LEU A 67 -16.73 -10.40 -9.04
N SER A 68 -15.58 -9.81 -9.33
CA SER A 68 -15.16 -9.59 -10.71
CA SER A 68 -15.22 -9.52 -10.71
C SER A 68 -15.02 -10.83 -11.50
N SER A 69 -14.48 -11.86 -10.86
CA SER A 69 -14.34 -13.16 -11.52
CA SER A 69 -14.34 -13.11 -11.57
C SER A 69 -15.71 -13.74 -11.85
N ILE A 70 -16.66 -13.68 -10.92
CA ILE A 70 -18.00 -14.20 -11.18
C ILE A 70 -18.61 -13.39 -12.32
N GLU A 71 -18.47 -12.08 -12.31
CA GLU A 71 -19.01 -11.21 -13.35
C GLU A 71 -18.40 -11.57 -14.73
N GLN A 72 -17.11 -11.78 -14.78
CA GLN A 72 -16.47 -12.13 -16.05
C GLN A 72 -17.04 -13.46 -16.54
N LYS A 73 -17.20 -14.43 -15.68
CA LYS A 73 -17.74 -15.69 -16.11
C LYS A 73 -19.15 -15.53 -16.66
N SER A 74 -19.96 -14.68 -16.05
CA SER A 74 -21.33 -14.37 -16.53
C SER A 74 -21.39 -13.80 -17.90
N ASN A 75 -20.32 -13.22 -18.37
CA ASN A 75 -20.24 -12.59 -19.66
C ASN A 75 -19.62 -13.47 -20.76
N GLU A 76 -19.45 -14.74 -20.46
CA GLU A 76 -18.94 -15.71 -21.42
C GLU A 76 -20.09 -16.28 -22.27
N GLU A 77 -19.74 -16.73 -23.50
CA GLU A 77 -20.71 -17.43 -24.37
C GLU A 77 -21.32 -18.65 -23.62
N GLY A 78 -22.65 -18.75 -23.61
CA GLY A 78 -23.32 -19.97 -23.08
C GLY A 78 -23.64 -19.88 -21.62
N SER A 79 -23.24 -18.74 -21.00
CA SER A 79 -23.65 -18.41 -19.63
C SER A 79 -25.06 -17.85 -19.58
N GLU A 80 -25.88 -18.41 -18.68
CA GLU A 80 -27.26 -18.01 -18.53
C GLU A 80 -27.34 -16.55 -17.99
N GLU A 81 -28.29 -15.74 -18.49
CA GLU A 81 -28.52 -14.38 -17.98
C GLU A 81 -29.14 -14.45 -16.60
N LYS A 82 -28.55 -13.73 -15.69
CA LYS A 82 -28.92 -13.77 -14.29
C LYS A 82 -29.34 -12.37 -13.76
N GLY A 83 -29.37 -11.37 -14.65
CA GLY A 83 -29.82 -10.06 -14.26
C GLY A 83 -28.66 -9.24 -13.78
N PRO A 84 -29.02 -8.10 -13.26
CA PRO A 84 -28.02 -7.06 -12.94
C PRO A 84 -27.30 -7.26 -11.63
N GLU A 85 -27.66 -8.27 -10.82
CA GLU A 85 -27.23 -8.33 -9.44
C GLU A 85 -25.74 -8.49 -9.27
N VAL A 86 -25.08 -9.31 -10.05
CA VAL A 86 -23.62 -9.48 -9.91
CA VAL A 86 -23.63 -9.44 -9.77
C VAL A 86 -22.91 -8.14 -10.15
N ARG A 87 -23.26 -7.47 -11.25
CA ARG A 87 -22.68 -6.15 -11.52
C ARG A 87 -22.95 -5.20 -10.42
N GLU A 88 -24.22 -5.15 -9.96
CA GLU A 88 -24.57 -4.20 -8.92
C GLU A 88 -23.74 -4.46 -7.68
N TYR A 89 -23.59 -5.68 -7.26
CA TYR A 89 -22.89 -5.95 -6.04
C TYR A 89 -21.41 -5.69 -6.21
N ARG A 90 -20.84 -6.08 -7.33
CA ARG A 90 -19.43 -5.71 -7.61
C ARG A 90 -19.27 -4.22 -7.53
N GLU A 91 -20.17 -3.46 -8.11
CA GLU A 91 -20.14 -2.00 -8.08
CA GLU A 91 -20.11 -2.03 -8.06
C GLU A 91 -20.22 -1.50 -6.65
N LYS A 92 -21.05 -2.07 -5.78
CA LYS A 92 -21.17 -1.67 -4.43
CA LYS A 92 -21.14 -1.69 -4.39
C LYS A 92 -19.80 -1.83 -3.70
N VAL A 93 -19.21 -2.99 -3.82
CA VAL A 93 -17.91 -3.26 -3.20
C VAL A 93 -16.87 -2.30 -3.79
N GLU A 94 -16.88 -2.12 -5.10
CA GLU A 94 -15.94 -1.23 -5.74
C GLU A 94 -16.03 0.18 -5.22
N THR A 95 -17.27 0.69 -5.06
CA THR A 95 -17.45 2.04 -4.60
C THR A 95 -16.95 2.20 -3.18
N GLU A 96 -17.17 1.18 -2.33
CA GLU A 96 -16.66 1.23 -0.96
CA GLU A 96 -16.68 1.25 -0.98
C GLU A 96 -15.16 1.24 -0.94
N LEU A 97 -14.55 0.42 -1.77
CA LEU A 97 -13.09 0.34 -1.90
CA LEU A 97 -13.10 0.36 -1.89
C LEU A 97 -12.54 1.68 -2.36
N GLN A 98 -13.14 2.28 -3.37
CA GLN A 98 -12.71 3.58 -3.84
C GLN A 98 -12.84 4.59 -2.75
N GLY A 99 -13.89 4.51 -1.92
CA GLY A 99 -14.06 5.43 -0.83
C GLY A 99 -12.95 5.31 0.21
N VAL A 100 -12.51 4.11 0.53
CA VAL A 100 -11.40 3.95 1.48
C VAL A 100 -10.11 4.56 0.86
N CYS A 101 -9.86 4.26 -0.40
CA CYS A 101 -8.68 4.83 -1.04
C CYS A 101 -8.74 6.36 -1.03
N ASP A 102 -9.88 6.93 -1.32
CA ASP A 102 -10.03 8.35 -1.32
C ASP A 102 -9.82 8.92 0.07
N THR A 103 -10.26 8.21 1.11
CA THR A 103 -10.05 8.61 2.49
C THR A 103 -8.53 8.70 2.80
N VAL A 104 -7.83 7.63 2.46
CA VAL A 104 -6.39 7.59 2.73
C VAL A 104 -5.69 8.69 1.95
N LEU A 105 -5.98 8.82 0.66
CA LEU A 105 -5.36 9.83 -0.15
C LEU A 105 -5.67 11.20 0.42
N GLY A 106 -6.87 11.41 0.93
CA GLY A 106 -7.23 12.66 1.54
C GLY A 106 -6.43 12.98 2.80
N LEU A 107 -6.17 12.00 3.61
CA LEU A 107 -5.32 12.24 4.78
C LEU A 107 -3.91 12.58 4.37
N LEU A 108 -3.41 11.92 3.34
CA LEU A 108 -2.06 12.21 2.84
C LEU A 108 -1.98 13.63 2.31
N ASP A 109 -3.01 14.10 1.59
CA ASP A 109 -3.03 15.42 1.01
C ASP A 109 -3.35 16.52 2.03
N SER A 110 -4.03 16.17 3.08
CA SER A 110 -4.51 17.12 4.10
C SER A 110 -4.25 16.59 5.51
N HIS A 111 -2.99 16.66 6.01
CA HIS A 111 -1.86 17.38 5.45
C HIS A 111 -0.58 16.61 5.70
N LEU A 112 -0.64 15.26 5.68
CA LEU A 112 0.51 14.49 6.11
C LEU A 112 1.77 14.70 5.26
N ILE A 113 1.61 14.66 3.97
CA ILE A 113 2.78 14.73 3.09
C ILE A 113 3.44 16.10 3.22
N LYS A 114 2.66 17.17 3.20
CA LYS A 114 3.29 18.52 3.15
C LYS A 114 4.07 18.83 4.41
N GLU A 115 3.75 18.19 5.54
CA GLU A 115 4.41 18.40 6.78
CA GLU A 115 4.51 18.44 6.73
C GLU A 115 5.60 17.44 6.93
N ALA A 116 5.78 16.42 6.12
CA ALA A 116 6.80 15.40 6.28
C ALA A 116 8.09 15.80 5.64
N GLY A 117 9.08 16.07 6.45
CA GLY A 117 10.37 16.55 5.96
C GLY A 117 11.48 15.51 6.08
N ASP A 118 11.39 14.60 7.01
CA ASP A 118 12.43 13.60 7.15
C ASP A 118 12.21 12.51 6.09
N ALA A 119 13.26 11.90 5.61
CA ALA A 119 13.09 10.90 4.57
C ALA A 119 12.20 9.75 5.02
N GLU A 120 12.34 9.30 6.25
CA GLU A 120 11.53 8.18 6.78
CA GLU A 120 11.54 8.16 6.62
C GLU A 120 10.09 8.46 6.63
N SER A 121 9.63 9.64 6.99
CA SER A 121 8.23 9.96 6.92
C SER A 121 7.80 10.25 5.50
N ARG A 122 8.55 11.05 4.78
CA ARG A 122 8.15 11.43 3.46
C ARG A 122 8.07 10.27 2.51
N VAL A 123 9.08 9.41 2.51
CA VAL A 123 9.07 8.23 1.67
C VAL A 123 7.90 7.32 2.03
N PHE A 124 7.68 7.13 3.34
CA PHE A 124 6.56 6.28 3.79
CA PHE A 124 6.57 6.27 3.78
C PHE A 124 5.24 6.79 3.23
N TYR A 125 4.99 8.09 3.33
CA TYR A 125 3.72 8.64 2.88
C TYR A 125 3.58 8.62 1.37
N LEU A 126 4.67 8.89 0.65
CA LEU A 126 4.60 8.82 -0.79
C LEU A 126 4.42 7.40 -1.31
N LYS A 127 5.01 6.44 -0.64
CA LYS A 127 4.75 5.01 -0.93
C LYS A 127 3.26 4.71 -0.75
N MET A 128 2.71 5.20 0.37
CA MET A 128 1.24 5.02 0.64
CA MET A 128 1.31 4.98 0.59
C MET A 128 0.45 5.63 -0.48
N LYS A 129 0.81 6.84 -0.93
CA LYS A 129 0.08 7.48 -1.98
C LYS A 129 0.10 6.65 -3.25
N GLY A 130 1.30 6.11 -3.60
CA GLY A 130 1.41 5.24 -4.73
C GLY A 130 0.55 3.99 -4.59
N ASP A 131 0.60 3.38 -3.41
CA ASP A 131 -0.18 2.15 -3.16
C ASP A 131 -1.67 2.41 -3.36
N TYR A 132 -2.22 3.47 -2.80
CA TYR A 132 -3.67 3.66 -2.87
C TYR A 132 -4.11 4.11 -4.23
N TYR A 133 -3.28 4.87 -4.97
CA TYR A 133 -3.59 5.05 -6.39
C TYR A 133 -3.51 3.75 -7.17
N ARG A 134 -2.56 2.85 -6.84
CA ARG A 134 -2.49 1.56 -7.44
C ARG A 134 -3.77 0.74 -7.23
N TYR A 135 -4.32 0.82 -6.01
CA TYR A 135 -5.58 0.10 -5.73
C TYR A 135 -6.71 0.71 -6.54
N LEU A 136 -6.75 2.04 -6.69
CA LEU A 136 -7.71 2.66 -7.58
C LEU A 136 -7.52 2.16 -9.02
N ALA A 137 -6.27 2.05 -9.47
CA ALA A 137 -6.00 1.60 -10.80
C ALA A 137 -6.44 0.15 -11.07
N GLU A 138 -6.40 -0.68 -10.04
CA GLU A 138 -6.80 -2.09 -10.19
C GLU A 138 -8.25 -2.19 -10.61
N VAL A 139 -9.10 -1.22 -10.21
CA VAL A 139 -10.54 -1.27 -10.53
C VAL A 139 -10.93 -0.25 -11.55
N ALA A 140 -10.05 0.51 -12.10
CA ALA A 140 -10.38 1.50 -13.07
C ALA A 140 -10.53 0.95 -14.40
N THR A 141 -11.58 1.45 -15.07
CA THR A 141 -11.91 1.00 -16.42
C THR A 141 -12.32 2.19 -17.30
N GLY A 142 -12.38 3.41 -16.76
CA GLY A 142 -12.88 4.53 -17.53
C GLY A 142 -11.86 5.44 -18.12
N ASP A 143 -12.31 6.67 -18.34
CA ASP A 143 -11.47 7.66 -19.03
C ASP A 143 -10.36 8.23 -18.26
N ASP A 144 -10.45 8.12 -16.93
CA ASP A 144 -9.42 8.55 -16.04
C ASP A 144 -8.36 7.53 -15.70
N LYS A 145 -8.44 6.29 -16.24
CA LYS A 145 -7.54 5.22 -15.87
C LYS A 145 -6.10 5.61 -16.10
N LYS A 146 -5.77 6.23 -17.24
CA LYS A 146 -4.43 6.59 -17.46
C LYS A 146 -3.95 7.65 -16.43
N ARG A 147 -4.75 8.61 -16.06
CA ARG A 147 -4.35 9.59 -15.09
C ARG A 147 -4.17 8.92 -13.72
N ILE A 148 -5.02 7.96 -13.35
CA ILE A 148 -4.87 7.26 -12.05
C ILE A 148 -3.53 6.50 -12.03
N ILE A 149 -3.24 5.77 -13.10
CA ILE A 149 -2.00 5.08 -13.23
C ILE A 149 -0.81 6.04 -13.13
N ASP A 150 -0.91 7.19 -13.79
CA ASP A 150 0.18 8.16 -13.75
C ASP A 150 0.34 8.74 -12.36
N SER A 151 -0.75 8.93 -11.61
CA SER A 151 -0.65 9.41 -10.27
C SER A 151 0.10 8.41 -9.35
N ALA A 152 -0.21 7.12 -9.53
CA ALA A 152 0.54 6.13 -8.76
C ALA A 152 2.02 6.19 -9.13
N ARG A 153 2.31 6.19 -10.42
CA ARG A 153 3.70 6.20 -10.90
CA ARG A 153 3.69 6.20 -10.92
C ARG A 153 4.40 7.39 -10.31
N SER A 154 3.81 8.56 -10.38
CA SER A 154 4.46 9.79 -9.95
CA SER A 154 4.49 9.81 -9.95
C SER A 154 4.81 9.76 -8.48
N ALA A 155 3.87 9.27 -7.65
CA ALA A 155 4.12 9.18 -6.23
C ALA A 155 5.23 8.19 -5.94
N TYR A 156 5.17 7.00 -6.55
CA TYR A 156 6.25 6.07 -6.35
C TYR A 156 7.59 6.63 -6.78
N GLN A 157 7.60 7.33 -7.93
CA GLN A 157 8.88 7.85 -8.43
C GLN A 157 9.44 8.88 -7.52
N GLU A 158 8.64 9.78 -6.96
CA GLU A 158 9.14 10.76 -6.01
C GLU A 158 9.71 10.07 -4.81
N ALA A 159 9.00 9.06 -4.27
CA ALA A 159 9.48 8.28 -3.16
C ALA A 159 10.80 7.60 -3.46
N MET A 160 10.92 7.03 -4.65
CA MET A 160 12.19 6.34 -5.05
CA MET A 160 12.12 6.36 -5.06
C MET A 160 13.30 7.33 -5.09
N ASP A 161 13.07 8.52 -5.65
CA ASP A 161 14.16 9.48 -5.78
C ASP A 161 14.68 9.87 -4.43
N ILE A 162 13.79 10.16 -3.46
CA ILE A 162 14.20 10.48 -2.13
C ILE A 162 14.91 9.35 -1.45
N SER A 163 14.36 8.12 -1.57
CA SER A 163 14.91 7.01 -0.85
CA SER A 163 14.90 6.91 -0.99
C SER A 163 16.33 6.71 -1.37
N LYS A 164 16.59 6.84 -2.65
CA LYS A 164 17.91 6.56 -3.17
C LYS A 164 18.91 7.56 -2.67
N LYS A 165 18.52 8.81 -2.51
CA LYS A 165 19.43 9.83 -1.98
CA LYS A 165 19.40 9.85 -2.04
C LYS A 165 19.65 9.76 -0.52
N GLU A 166 18.62 9.39 0.24
CA GLU A 166 18.62 9.63 1.66
C GLU A 166 18.66 8.41 2.52
N MET A 167 18.47 7.21 2.00
CA MET A 167 18.40 5.97 2.76
CA MET A 167 18.41 6.02 2.82
C MET A 167 19.37 4.99 2.25
N PRO A 168 19.90 4.09 3.14
CA PRO A 168 20.75 3.00 2.68
C PRO A 168 19.93 1.98 1.91
N PRO A 169 20.57 1.14 1.08
CA PRO A 169 19.83 0.22 0.23
C PRO A 169 19.09 -0.86 1.00
N THR A 170 19.46 -1.09 2.28
CA THR A 170 18.82 -2.04 3.13
C THR A 170 17.67 -1.46 3.93
N ASN A 171 17.42 -0.17 3.87
CA ASN A 171 16.38 0.38 4.71
C ASN A 171 15.06 -0.29 4.38
N PRO A 172 14.30 -0.78 5.36
CA PRO A 172 13.08 -1.52 5.06
C PRO A 172 12.05 -0.70 4.34
N ILE A 173 11.92 0.59 4.57
CA ILE A 173 10.97 1.41 3.87
C ILE A 173 11.37 1.49 2.39
N ARG A 174 12.67 1.74 2.14
CA ARG A 174 13.17 1.75 0.77
C ARG A 174 12.89 0.44 0.08
N LEU A 175 13.16 -0.67 0.76
CA LEU A 175 12.95 -1.97 0.15
C LEU A 175 11.49 -2.22 -0.14
N GLY A 176 10.61 -1.90 0.78
CA GLY A 176 9.18 -2.12 0.56
C GLY A 176 8.59 -1.26 -0.54
N LEU A 177 9.09 -0.03 -0.63
CA LEU A 177 8.76 0.86 -1.74
C LEU A 177 9.15 0.24 -3.04
N ALA A 178 10.38 -0.24 -3.14
CA ALA A 178 10.83 -0.84 -4.41
C ALA A 178 10.00 -2.08 -4.75
N LEU A 179 9.72 -2.91 -3.73
CA LEU A 179 8.86 -4.06 -3.92
C LEU A 179 7.54 -3.64 -4.55
N ASN A 180 6.89 -2.67 -3.93
CA ASN A 180 5.56 -2.28 -4.41
C ASN A 180 5.61 -1.58 -5.74
N PHE A 181 6.64 -0.77 -6.00
CA PHE A 181 6.74 -0.11 -7.31
C PHE A 181 6.97 -1.18 -8.38
N SER A 182 7.74 -2.21 -8.07
CA SER A 182 7.92 -3.34 -9.01
CA SER A 182 7.93 -3.31 -8.97
C SER A 182 6.58 -4.02 -9.27
N VAL A 183 5.77 -4.23 -8.26
CA VAL A 183 4.44 -4.79 -8.47
C VAL A 183 3.62 -3.89 -9.38
N PHE A 184 3.66 -2.57 -9.13
CA PHE A 184 3.01 -1.60 -10.03
C PHE A 184 3.43 -1.84 -11.47
N HIS A 185 4.75 -1.94 -11.70
CA HIS A 185 5.21 -2.13 -13.09
C HIS A 185 4.64 -3.38 -13.70
N TYR A 186 4.64 -4.46 -12.94
CA TYR A 186 4.25 -5.77 -13.46
C TYR A 186 2.76 -5.88 -13.66
N GLU A 187 1.99 -5.44 -12.67
CA GLU A 187 0.51 -5.66 -12.60
C GLU A 187 -0.32 -4.56 -13.18
N ILE A 188 0.17 -3.33 -13.14
CA ILE A 188 -0.60 -2.16 -13.55
C ILE A 188 -0.12 -1.55 -14.85
N ALA A 189 1.21 -1.36 -14.95
CA ALA A 189 1.79 -0.60 -16.08
C ALA A 189 2.17 -1.51 -17.23
N ASN A 190 1.90 -2.78 -17.21
CA ASN A 190 2.23 -3.64 -18.34
C ASN A 190 3.72 -3.54 -18.69
N SER A 191 4.55 -3.56 -17.68
CA SER A 191 6.00 -3.37 -17.81
C SER A 191 6.71 -4.44 -17.02
N PRO A 192 6.55 -5.71 -17.39
CA PRO A 192 7.20 -6.79 -16.61
C PRO A 192 8.72 -6.69 -16.64
N GLU A 193 9.34 -6.24 -17.70
CA GLU A 193 10.79 -6.11 -17.69
C GLU A 193 11.24 -5.10 -16.72
N GLU A 194 10.55 -3.97 -16.61
CA GLU A 194 10.92 -2.96 -15.63
C GLU A 194 10.75 -3.52 -14.21
N ALA A 195 9.67 -4.26 -13.99
CA ALA A 195 9.43 -4.84 -12.71
C ALA A 195 10.57 -5.75 -12.29
N ILE A 196 10.98 -6.63 -13.20
CA ILE A 196 12.04 -7.59 -12.94
C ILE A 196 13.38 -6.85 -12.71
N SER A 197 13.70 -5.87 -13.53
CA SER A 197 14.92 -5.17 -13.37
CA SER A 197 14.96 -5.14 -13.35
C SER A 197 14.97 -4.45 -12.03
N LEU A 198 13.87 -3.78 -11.65
CA LEU A 198 13.86 -3.08 -10.36
C LEU A 198 14.02 -4.06 -9.22
N ALA A 199 13.30 -5.16 -9.24
CA ALA A 199 13.42 -6.11 -8.13
C ALA A 199 14.82 -6.67 -8.02
N LYS A 200 15.45 -7.00 -9.14
CA LYS A 200 16.83 -7.56 -9.21
CA LYS A 200 16.74 -7.62 -9.03
C LYS A 200 17.81 -6.56 -8.61
N THR A 201 17.78 -5.35 -9.17
CA THR A 201 18.71 -4.32 -8.73
CA THR A 201 18.77 -4.35 -8.72
C THR A 201 18.55 -4.04 -7.24
N THR A 202 17.30 -3.93 -6.80
CA THR A 202 17.04 -3.66 -5.39
C THR A 202 17.61 -4.74 -4.50
N PHE A 203 17.33 -5.98 -4.88
CA PHE A 203 17.81 -7.12 -4.12
C PHE A 203 19.33 -7.11 -4.00
N ASP A 204 20.00 -6.94 -5.16
CA ASP A 204 21.43 -7.01 -5.21
C ASP A 204 22.10 -5.88 -4.42
N GLU A 205 21.56 -4.70 -4.50
CA GLU A 205 22.16 -3.57 -3.78
CA GLU A 205 22.13 -3.54 -3.80
C GLU A 205 21.96 -3.71 -2.28
N ALA A 206 20.84 -4.32 -1.88
CA ALA A 206 20.62 -4.59 -0.50
C ALA A 206 21.60 -5.66 0.02
N MET A 207 21.75 -6.74 -0.76
CA MET A 207 22.66 -7.81 -0.40
CA MET A 207 22.69 -7.84 -0.41
C MET A 207 24.03 -7.27 -0.05
N ALA A 208 24.53 -6.37 -0.88
CA ALA A 208 25.87 -5.79 -0.74
C ALA A 208 26.01 -4.92 0.46
N ASP A 209 24.94 -4.46 1.09
CA ASP A 209 24.96 -3.59 2.25
C ASP A 209 24.63 -4.30 3.57
N LEU A 210 24.25 -5.58 3.50
CA LEU A 210 23.89 -6.29 4.73
C LEU A 210 25.01 -6.31 5.73
N HIS A 211 26.25 -6.30 5.27
CA HIS A 211 27.40 -6.41 6.19
C HIS A 211 27.46 -5.29 7.18
N THR A 212 26.77 -4.18 6.94
CA THR A 212 26.84 -2.99 7.78
C THR A 212 25.90 -3.07 8.97
N LEU A 213 25.02 -4.08 8.99
CA LEU A 213 23.85 -4.13 9.85
C LEU A 213 24.06 -4.97 11.08
N SER A 214 23.36 -4.55 12.12
CA SER A 214 23.18 -5.34 13.29
C SER A 214 22.36 -6.62 12.96
N GLU A 215 22.35 -7.59 13.86
CA GLU A 215 21.55 -8.74 13.70
C GLU A 215 20.06 -8.44 13.51
N ASP A 216 19.51 -7.53 14.33
CA ASP A 216 18.11 -7.22 14.21
C ASP A 216 17.82 -6.47 12.91
N SER A 217 18.67 -5.55 12.48
CA SER A 217 18.40 -4.90 11.20
C SER A 217 18.52 -5.86 10.04
N TYR A 218 19.48 -6.78 10.13
CA TYR A 218 19.61 -7.84 9.15
CA TYR A 218 19.63 -7.81 9.11
C TYR A 218 18.36 -8.60 8.97
N LYS A 219 17.75 -9.02 10.07
CA LYS A 219 16.47 -9.69 10.00
CA LYS A 219 16.51 -9.74 9.97
C LYS A 219 15.41 -8.91 9.30
N ASP A 220 15.27 -7.65 9.64
CA ASP A 220 14.27 -6.76 9.05
C ASP A 220 14.48 -6.68 7.55
N SER A 221 15.68 -6.46 7.11
CA SER A 221 15.95 -6.25 5.71
C SER A 221 15.79 -7.53 4.91
N THR A 222 16.31 -8.62 5.42
CA THR A 222 16.26 -9.84 4.70
C THR A 222 14.83 -10.35 4.54
N LEU A 223 13.93 -10.04 5.47
CA LEU A 223 12.56 -10.44 5.31
CA LEU A 223 12.56 -10.43 5.32
C LEU A 223 11.99 -9.82 4.06
N ILE A 224 12.24 -8.56 3.81
CA ILE A 224 11.68 -7.91 2.62
C ILE A 224 12.41 -8.33 1.37
N MET A 225 13.73 -8.56 1.48
CA MET A 225 14.48 -9.11 0.35
C MET A 225 13.88 -10.40 -0.14
N GLN A 226 13.41 -11.25 0.78
CA GLN A 226 12.81 -12.50 0.38
C GLN A 226 11.54 -12.27 -0.42
N LEU A 227 10.78 -11.24 -0.13
CA LEU A 227 9.59 -10.91 -0.93
CA LEU A 227 9.58 -10.87 -0.89
C LEU A 227 9.97 -10.52 -2.33
N LEU A 228 11.04 -9.73 -2.51
CA LEU A 228 11.55 -9.45 -3.84
C LEU A 228 11.89 -10.74 -4.57
N ARG A 229 12.58 -11.65 -3.89
CA ARG A 229 12.92 -12.95 -4.47
C ARG A 229 11.66 -13.75 -4.83
N ASP A 230 10.66 -13.72 -4.00
CA ASP A 230 9.43 -14.43 -4.30
C ASP A 230 8.83 -13.93 -5.57
N ASN A 231 8.77 -12.62 -5.77
CA ASN A 231 8.25 -12.09 -7.02
C ASN A 231 9.14 -12.45 -8.18
N LEU A 232 10.45 -12.34 -8.05
CA LEU A 232 11.32 -12.72 -9.13
C LEU A 232 11.10 -14.16 -9.56
N THR A 233 10.93 -15.04 -8.60
CA THR A 233 10.68 -16.44 -8.92
C THR A 233 9.34 -16.62 -9.62
N LEU A 234 8.32 -15.90 -9.22
CA LEU A 234 7.03 -15.93 -9.87
C LEU A 234 7.08 -15.42 -11.30
N TRP A 235 7.85 -14.37 -11.50
CA TRP A 235 7.85 -13.61 -12.75
C TRP A 235 8.79 -14.11 -13.82
N THR A 236 9.70 -14.99 -13.43
CA THR A 236 10.72 -15.52 -14.32
C THR A 236 10.72 -17.04 -14.37
N GLN B 1 -0.87 -17.89 -7.52
CA GLN B 1 0.00 -17.04 -6.69
C GLN B 1 -0.06 -15.60 -7.22
N ARG B 2 -0.38 -14.65 -6.33
CA ARG B 2 -0.40 -13.23 -6.73
CA ARG B 2 -0.39 -13.23 -6.63
C ARG B 2 0.99 -12.65 -6.47
N SER B 3 1.28 -11.50 -7.09
CA SER B 3 2.46 -10.76 -6.77
C SER B 3 2.38 -10.30 -5.30
N THR B 4 3.52 -10.31 -4.62
CA THR B 4 3.60 -9.92 -3.22
C THR B 4 3.94 -8.45 -3.10
N SEP B 5 3.17 -7.77 -2.27
CA SEP B 5 3.43 -6.40 -1.89
CB SEP B 5 2.35 -5.47 -2.36
OG SEP B 5 1.12 -5.90 -1.74
C SEP B 5 3.58 -6.33 -0.36
O SEP B 5 3.33 -7.32 0.31
P SEP B 5 -0.25 -5.13 -2.09
O1P SEP B 5 -0.57 -5.37 -3.54
O2P SEP B 5 -0.02 -3.68 -1.81
O3P SEP B 5 -1.26 -5.79 -1.18
N THR B 6 4.01 -5.19 0.14
CA THR B 6 4.17 -5.05 1.56
C THR B 6 3.65 -3.65 2.04
CL CL C . -25.84 -4.24 -4.23
MG MG D . -17.54 1.74 -10.69
MG MG E . -28.76 -22.32 -20.88
MG MG F . -5.76 16.81 23.73
#